data_6IJL
#
_entry.id   6IJL
#
_cell.length_a   61.212
_cell.length_b   66.232
_cell.length_c   107.397
_cell.angle_alpha   90.000
_cell.angle_beta   90.000
_cell.angle_gamma   90.000
#
_symmetry.space_group_name_H-M   'P 21 21 21'
#
loop_
_entity.id
_entity.type
_entity.pdbx_description
1 polymer 'Histone-lysine N-methyltransferase SMYD3'
2 non-polymer 'propyl (2~{R})-4-[2-[4-(1-azanylcyclopropyl)phenyl]quinolin-7-yl]carbonyl-2-methyl-piperazine-1-carboxylate'
3 non-polymer 'ZINC ION'
4 non-polymer S-ADENOSYLMETHIONINE
5 water water
#
_entity_poly.entity_id   1
_entity_poly.type   'polypeptide(L)'
_entity_poly.pdbx_seq_one_letter_code
;MEPLKVEKFATANRGNGLRAVTPLRPGELLFRSDPLAYTVCKGSRGVVCDRCLLGKEKLMRCSQCRVAKYCSAKCQKKAW
PDHKRECKCLKSCKPRYPPDSVRLLGRVVFKLMDGAPSESEKLYSFYDLESNINKLTEDRKEGLRQLVMTFQHFMREEIQ
DASQLPPAFDLFEAFAKVICNSFTICNAEMQEVGVGLYPSISLLNHSCDPNCSIVFNGPHLLLRAVRDIEVGEELTICYL
DMLMTSEERRKQLRDQYCFECDCFRCQTQDKDADMLTGDEQVWKEVQESLKKIEELKAHWKWEQVLAMCQAIISSNSERL
PDINIYQLKVLDCAMDACINLGLLEEALFYGTRTMEPYRIFFPGSHPVRGVQVMKVGKLQLHQGMFPQAMKNLRLAFDIM
RVTHGREHSLIEDLILLLEECDANIRAS
;
_entity_poly.pdbx_strand_id   A
#
# COMPACT_ATOMS: atom_id res chain seq x y z
N PRO A 3 16.30 5.73 21.52
CA PRO A 3 15.25 5.76 22.53
C PRO A 3 13.85 5.83 21.90
N LEU A 4 13.04 4.80 22.10
CA LEU A 4 11.78 4.71 21.37
C LEU A 4 10.69 5.57 21.99
N LYS A 5 9.86 6.16 21.12
CA LYS A 5 8.72 6.96 21.53
C LYS A 5 7.51 6.07 21.67
N VAL A 6 7.64 4.86 21.14
CA VAL A 6 6.53 3.93 21.12
C VAL A 6 6.94 2.65 21.85
N GLU A 7 5.94 1.89 22.26
CA GLU A 7 6.18 0.65 22.95
C GLU A 7 5.07 -0.34 22.71
N LYS A 8 5.39 -1.60 22.93
CA LYS A 8 4.44 -2.71 22.85
C LYS A 8 3.67 -2.81 24.16
N PHE A 9 2.36 -3.04 24.11
CA PHE A 9 1.57 -3.18 25.32
C PHE A 9 0.36 -4.06 25.07
N ALA A 10 -0.12 -4.74 26.12
CA ALA A 10 -1.28 -5.59 25.94
C ALA A 10 -2.57 -4.78 26.09
N THR A 11 -3.42 -4.81 25.05
CA THR A 11 -4.67 -4.08 25.09
C THR A 11 -5.78 -4.88 25.77
N ALA A 12 -6.89 -4.23 26.06
CA ALA A 12 -8.00 -4.88 26.75
C ALA A 12 -8.74 -5.84 25.82
N ASN A 13 -8.86 -5.47 24.54
CA ASN A 13 -9.64 -6.28 23.61
C ASN A 13 -9.17 -6.33 22.15
N ARG A 14 -7.93 -5.92 21.89
CA ARG A 14 -7.39 -6.02 20.51
C ARG A 14 -5.97 -6.57 20.41
N GLY A 15 -5.64 -7.61 21.16
CA GLY A 15 -4.32 -8.18 21.04
C GLY A 15 -3.27 -7.24 21.60
N ASN A 16 -2.15 -7.09 20.88
CA ASN A 16 -0.90 -6.56 21.46
C ASN A 16 -0.40 -5.15 21.20
N GLY A 17 -1.20 -4.29 20.55
CA GLY A 17 -0.95 -2.84 20.43
C GLY A 17 0.39 -2.09 20.51
N LEU A 18 0.43 -0.96 19.82
CA LEU A 18 1.45 0.07 20.02
C LEU A 18 0.89 1.24 20.84
N ARG A 19 1.71 1.81 21.72
CA ARG A 19 1.27 2.94 22.54
C ARG A 19 2.43 3.89 22.89
N ALA A 20 2.11 5.18 22.91
CA ALA A 20 3.12 6.24 22.96
C ALA A 20 3.78 6.32 24.33
N VAL A 21 5.11 6.35 24.31
CA VAL A 21 5.90 6.49 25.53
C VAL A 21 6.01 7.95 25.91
N THR A 22 6.06 8.81 24.89
CA THR A 22 6.12 10.25 25.09
C THR A 22 4.99 10.94 24.32
N PRO A 23 4.56 12.13 24.76
CA PRO A 23 3.47 12.68 23.95
C PRO A 23 4.02 13.08 22.58
N LEU A 24 3.16 13.15 21.58
CA LEU A 24 3.65 13.35 20.22
C LEU A 24 2.91 14.44 19.47
N ARG A 25 3.62 15.08 18.54
CA ARG A 25 3.05 16.09 17.66
C ARG A 25 2.89 15.50 16.26
N PRO A 26 1.86 15.96 15.52
CA PRO A 26 1.66 15.55 14.11
C PRO A 26 2.92 15.73 13.28
N GLY A 27 3.23 14.76 12.42
CA GLY A 27 4.44 14.81 11.61
C GLY A 27 5.66 14.18 12.25
N GLU A 28 5.58 13.89 13.55
CA GLU A 28 6.73 13.33 14.25
C GLU A 28 7.01 11.89 13.85
N LEU A 29 8.27 11.61 13.53
CA LEU A 29 8.70 10.27 13.16
C LEU A 29 8.76 9.37 14.39
N LEU A 30 8.01 8.26 14.37
CA LEU A 30 7.90 7.39 15.53
C LEU A 30 8.66 6.08 15.42
N PHE A 31 8.71 5.53 14.21
CA PHE A 31 9.41 4.27 13.96
C PHE A 31 9.71 4.17 12.47
N ARG A 32 10.80 3.50 12.12
CA ARG A 32 11.09 3.25 10.71
C ARG A 32 11.68 1.85 10.56
N SER A 33 11.45 1.25 9.40
CA SER A 33 11.79 -0.16 9.22
C SER A 33 11.91 -0.63 7.77
N ASP A 34 12.96 -1.42 7.51
CA ASP A 34 13.01 -2.25 6.33
C ASP A 34 12.26 -3.56 6.56
N PRO A 35 11.78 -4.19 5.48
CA PRO A 35 11.04 -5.46 5.56
C PRO A 35 11.86 -6.62 6.11
N LEU A 36 11.20 -7.52 6.83
CA LEU A 36 11.78 -8.82 7.17
C LEU A 36 11.93 -9.60 5.88
N ALA A 37 10.90 -9.50 5.04
CA ALA A 37 10.91 -10.06 3.70
C ALA A 37 9.93 -9.29 2.84
N TYR A 38 10.16 -9.25 1.53
CA TYR A 38 9.24 -8.62 0.61
C TYR A 38 9.51 -9.04 -0.83
N THR A 39 8.56 -8.73 -1.69
CA THR A 39 8.62 -9.08 -3.10
C THR A 39 7.70 -8.17 -3.91
N VAL A 40 7.83 -8.23 -5.23
CA VAL A 40 7.02 -7.42 -6.15
C VAL A 40 5.65 -8.04 -6.35
N CYS A 41 4.64 -7.20 -6.55
CA CYS A 41 3.30 -7.76 -6.71
CA CYS A 41 3.25 -7.61 -6.76
C CYS A 41 3.15 -8.35 -8.10
N LYS A 42 2.05 -9.08 -8.29
CA LYS A 42 1.83 -9.82 -9.53
C LYS A 42 1.70 -8.85 -10.69
N GLY A 43 0.94 -7.77 -10.49
CA GLY A 43 0.73 -6.80 -11.56
C GLY A 43 1.97 -6.07 -12.04
N SER A 44 2.88 -5.76 -11.11
CA SER A 44 4.05 -4.94 -11.41
C SER A 44 5.33 -5.76 -11.61
N ARG A 45 5.18 -7.09 -11.72
CA ARG A 45 6.31 -7.96 -12.07
C ARG A 45 6.85 -7.53 -13.43
N GLY A 46 8.18 -7.40 -13.49
CA GLY A 46 8.82 -6.97 -14.72
C GLY A 46 8.56 -5.53 -15.10
N VAL A 47 7.79 -4.83 -14.28
CA VAL A 47 7.48 -3.44 -14.53
C VAL A 47 8.31 -2.61 -13.54
N VAL A 48 8.47 -3.14 -12.33
CA VAL A 48 9.35 -2.48 -11.38
C VAL A 48 10.53 -3.35 -10.97
N CYS A 49 11.62 -2.70 -10.54
CA CYS A 49 12.80 -3.38 -10.02
C CYS A 49 12.41 -4.21 -8.82
N ASP A 50 12.88 -5.45 -8.76
CA ASP A 50 12.59 -6.32 -7.63
C ASP A 50 13.20 -5.75 -6.35
N ARG A 51 14.29 -5.01 -6.49
CA ARG A 51 15.00 -4.46 -5.34
C ARG A 51 14.44 -3.14 -4.81
N CYS A 52 14.49 -2.06 -5.61
CA CYS A 52 14.09 -0.75 -5.07
C CYS A 52 12.66 -0.35 -5.41
N LEU A 53 12.00 -1.19 -6.20
CA LEU A 53 10.61 -0.99 -6.62
C LEU A 53 10.38 0.22 -7.53
N LEU A 54 11.44 0.72 -8.16
CA LEU A 54 11.31 1.89 -9.04
C LEU A 54 11.07 1.46 -10.48
N GLY A 55 10.31 2.27 -11.20
CA GLY A 55 9.99 1.97 -12.58
C GLY A 55 11.09 2.39 -13.54
N LYS A 56 11.36 1.53 -14.52
CA LYS A 56 12.23 1.86 -15.64
C LYS A 56 11.67 1.23 -16.93
N GLU A 57 12.06 1.78 -18.07
CA GLU A 57 11.57 1.32 -19.36
C GLU A 57 12.12 -0.07 -19.67
N LYS A 58 13.43 -0.23 -19.47
CA LYS A 58 14.09 -1.51 -19.67
C LYS A 58 14.79 -1.96 -18.39
N LEU A 59 14.24 -2.99 -17.77
CA LEU A 59 14.92 -3.62 -16.64
C LEU A 59 15.80 -4.74 -17.16
N MET A 60 16.79 -5.12 -16.38
CA MET A 60 17.60 -6.28 -16.68
C MET A 60 16.85 -7.49 -16.16
N ARG A 61 17.39 -8.67 -16.32
CA ARG A 61 16.76 -9.83 -15.71
C ARG A 61 17.78 -10.88 -15.29
N CYS A 62 17.40 -11.68 -14.31
CA CYS A 62 18.21 -12.78 -13.89
C CYS A 62 18.22 -13.88 -14.94
N SER A 63 19.39 -14.24 -15.44
CA SER A 63 19.44 -15.29 -16.46
C SER A 63 19.19 -16.68 -15.88
N GLN A 64 19.38 -16.84 -14.57
CA GLN A 64 19.07 -18.11 -13.92
C GLN A 64 17.58 -18.35 -13.91
N CYS A 65 16.84 -17.39 -13.35
CA CYS A 65 15.41 -17.56 -13.17
C CYS A 65 14.69 -17.08 -14.41
N ARG A 66 15.00 -15.83 -14.77
CA ARG A 66 14.28 -15.04 -15.77
C ARG A 66 12.90 -14.62 -15.29
N VAL A 67 12.72 -14.63 -13.98
CA VAL A 67 11.49 -14.16 -13.36
C VAL A 67 11.72 -12.77 -12.74
N ALA A 68 12.73 -12.64 -11.88
CA ALA A 68 13.06 -11.36 -11.26
C ALA A 68 13.77 -10.44 -12.27
N LYS A 69 13.49 -9.14 -12.18
CA LYS A 69 14.10 -8.15 -13.06
C LYS A 69 14.58 -6.94 -12.24
N TYR A 70 15.42 -6.07 -12.81
CA TYR A 70 16.17 -5.14 -11.97
C TYR A 70 16.47 -3.75 -12.55
N CYS A 71 16.46 -2.78 -11.64
CA CYS A 71 16.87 -1.40 -11.87
C CYS A 71 18.21 -1.32 -12.56
N SER A 72 19.12 -2.19 -12.14
CA SER A 72 20.53 -2.04 -12.44
C SER A 72 21.38 -3.19 -11.91
N ALA A 73 22.65 -3.18 -12.32
CA ALA A 73 23.66 -4.12 -11.84
C ALA A 73 23.82 -4.09 -10.33
N LYS A 74 23.95 -2.87 -9.79
CA LYS A 74 23.97 -2.65 -8.36
C LYS A 74 22.81 -3.34 -7.70
N CYS A 75 21.64 -3.24 -8.33
CA CYS A 75 20.38 -3.38 -7.65
C CYS A 75 20.06 -4.86 -7.81
N GLN A 76 20.46 -5.42 -8.96
CA GLN A 76 20.41 -6.87 -9.18
C GLN A 76 21.39 -7.62 -8.28
N LYS A 77 22.59 -7.08 -8.08
CA LYS A 77 23.56 -7.83 -7.29
C LYS A 77 23.30 -7.71 -5.79
N LYS A 78 22.78 -6.57 -5.34
CA LYS A 78 22.45 -6.43 -3.92
C LYS A 78 21.31 -7.39 -3.55
N ALA A 79 20.38 -7.58 -4.48
CA ALA A 79 19.23 -8.44 -4.24
C ALA A 79 19.61 -9.92 -4.19
N TRP A 80 20.77 -10.25 -4.76
CA TRP A 80 21.16 -11.65 -4.93
C TRP A 80 21.13 -12.51 -3.64
N PRO A 81 21.81 -12.08 -2.55
CA PRO A 81 21.78 -12.90 -1.32
C PRO A 81 20.39 -13.35 -0.84
N ASP A 82 19.32 -12.58 -1.06
CA ASP A 82 17.98 -13.07 -0.70
C ASP A 82 17.12 -13.48 -1.90
N HIS A 83 17.72 -13.64 -3.07
CA HIS A 83 16.98 -14.17 -4.20
C HIS A 83 17.43 -15.58 -4.54
N LYS A 84 18.61 -15.94 -4.07
CA LYS A 84 19.34 -17.07 -4.64
C LYS A 84 18.72 -18.44 -4.34
N ARG A 85 18.12 -18.61 -3.17
CA ARG A 85 17.40 -19.86 -2.90
C ARG A 85 16.02 -19.81 -3.56
N GLU A 86 15.49 -18.60 -3.67
CA GLU A 86 14.24 -18.37 -4.37
C GLU A 86 14.38 -18.58 -5.90
N CYS A 87 15.53 -18.25 -6.46
CA CYS A 87 15.78 -18.43 -7.89
C CYS A 87 15.65 -19.87 -8.36
N LYS A 88 16.25 -20.78 -7.60
CA LYS A 88 16.15 -22.21 -7.86
C LYS A 88 14.70 -22.71 -7.90
N CYS A 89 13.85 -22.11 -7.07
CA CYS A 89 12.46 -22.56 -7.00
C CYS A 89 11.60 -22.16 -8.20
N LEU A 90 11.72 -20.92 -8.66
CA LEU A 90 10.85 -20.44 -9.74
C LEU A 90 11.39 -20.79 -11.16
N LYS A 91 12.68 -21.09 -11.25
CA LYS A 91 13.29 -21.83 -12.37
C LYS A 91 12.48 -22.98 -12.91
N SER A 92 12.41 -23.97 -12.04
CA SER A 92 11.86 -25.27 -12.27
C SER A 92 10.36 -25.21 -12.11
N CYS A 93 9.91 -24.00 -11.83
CA CYS A 93 8.47 -23.75 -11.77
CA CYS A 93 8.53 -23.58 -11.65
C CYS A 93 8.04 -22.90 -12.90
N LYS A 94 8.99 -22.80 -13.81
CA LYS A 94 8.80 -22.21 -15.08
C LYS A 94 7.87 -23.19 -15.85
N PRO A 95 6.67 -22.74 -16.26
CA PRO A 95 6.10 -21.39 -16.34
C PRO A 95 5.14 -20.91 -15.24
N ARG A 96 4.98 -21.61 -14.12
CA ARG A 96 3.89 -21.30 -13.19
C ARG A 96 4.27 -20.32 -12.04
N TYR A 97 4.15 -19.01 -12.29
CA TYR A 97 4.42 -18.01 -11.26
C TYR A 97 3.46 -18.17 -10.08
N PRO A 98 4.01 -18.23 -8.85
CA PRO A 98 3.24 -18.48 -7.63
C PRO A 98 2.50 -17.25 -7.11
N PRO A 99 1.50 -17.46 -6.25
CA PRO A 99 0.85 -16.34 -5.54
C PRO A 99 1.87 -15.46 -4.81
N ASP A 100 1.59 -14.16 -4.74
CA ASP A 100 2.40 -13.19 -4.02
C ASP A 100 2.69 -13.65 -2.59
N SER A 101 1.67 -14.17 -1.93
CA SER A 101 1.82 -14.64 -0.55
C SER A 101 2.75 -15.84 -0.47
N VAL A 102 2.81 -16.63 -1.54
CA VAL A 102 3.71 -17.78 -1.55
C VAL A 102 5.16 -17.35 -1.81
N ARG A 103 5.36 -16.35 -2.67
CA ARG A 103 6.70 -15.80 -2.84
C ARG A 103 7.15 -15.13 -1.55
N LEU A 104 6.22 -14.45 -0.89
CA LEU A 104 6.54 -13.72 0.33
C LEU A 104 6.96 -14.68 1.45
N LEU A 105 6.19 -15.74 1.65
CA LEU A 105 6.53 -16.70 2.71
C LEU A 105 7.88 -17.37 2.44
N GLY A 106 8.11 -17.74 1.18
CA GLY A 106 9.40 -18.26 0.78
C GLY A 106 10.54 -17.37 1.25
N ARG A 107 10.38 -16.07 1.05
CA ARG A 107 11.37 -15.09 1.46
C ARG A 107 11.55 -15.01 2.96
N VAL A 108 10.44 -15.15 3.67
CA VAL A 108 10.46 -15.16 5.13
C VAL A 108 11.25 -16.35 5.64
N VAL A 109 10.96 -17.53 5.12
CA VAL A 109 11.62 -18.73 5.58
C VAL A 109 13.13 -18.65 5.32
N PHE A 110 13.53 -18.20 4.13
CA PHE A 110 14.95 -17.97 3.84
C PHE A 110 15.58 -16.97 4.79
N LYS A 111 14.90 -15.85 4.99
CA LYS A 111 15.40 -14.81 5.86
C LYS A 111 15.56 -15.35 7.27
N LEU A 112 14.55 -16.09 7.74
CA LEU A 112 14.62 -16.62 9.09
C LEU A 112 15.66 -17.74 9.20
N MET A 113 15.90 -18.51 8.12
CA MET A 113 16.97 -19.52 8.17
C MET A 113 18.37 -18.91 8.07
N ASP A 114 18.62 -18.12 7.03
CA ASP A 114 19.99 -17.78 6.66
C ASP A 114 20.42 -16.34 6.95
N GLY A 115 19.48 -15.52 7.44
CA GLY A 115 19.79 -14.13 7.69
C GLY A 115 20.15 -13.89 9.14
N ALA A 116 20.94 -12.86 9.41
CA ALA A 116 21.08 -12.38 10.77
C ALA A 116 19.72 -11.86 11.20
N PRO A 117 19.38 -11.94 12.50
CA PRO A 117 18.12 -11.40 12.99
C PRO A 117 17.88 -9.98 12.50
N SER A 118 16.67 -9.73 12.04
CA SER A 118 16.36 -8.49 11.37
C SER A 118 15.98 -7.38 12.33
N GLU A 119 16.33 -6.15 11.95
CA GLU A 119 15.89 -4.95 12.64
C GLU A 119 14.36 -4.84 12.63
N SER A 120 13.73 -5.57 11.71
CA SER A 120 12.28 -5.51 11.55
C SER A 120 11.52 -6.22 12.67
N GLU A 121 12.25 -7.01 13.46
CA GLU A 121 11.61 -7.78 14.51
C GLU A 121 11.95 -7.25 15.89
N LYS A 122 12.60 -6.09 15.92
CA LYS A 122 12.93 -5.37 17.15
C LYS A 122 11.82 -5.35 18.18
N LEU A 123 10.62 -4.92 17.79
CA LEU A 123 9.52 -4.80 18.76
C LEU A 123 8.64 -6.04 18.82
N TYR A 124 8.58 -6.74 17.70
CA TYR A 124 7.60 -7.79 17.49
C TYR A 124 8.15 -8.71 16.40
N SER A 125 8.04 -10.01 16.60
CA SER A 125 8.66 -10.96 15.67
C SER A 125 7.61 -11.69 14.84
N PHE A 126 8.04 -12.36 13.78
CA PHE A 126 7.14 -13.15 12.95
C PHE A 126 6.46 -14.19 13.80
N TYR A 127 7.26 -14.78 14.69
CA TYR A 127 6.83 -15.77 15.64
C TYR A 127 5.64 -15.26 16.48
N ASP A 128 5.69 -13.99 16.86
CA ASP A 128 4.67 -13.39 17.74
C ASP A 128 3.39 -12.98 17.02
N LEU A 129 3.43 -12.96 15.68
CA LEU A 129 2.32 -12.39 14.92
C LEU A 129 0.99 -13.07 15.20
N GLU A 130 -0.07 -12.26 15.23
CA GLU A 130 -1.44 -12.75 15.36
C GLU A 130 -1.83 -13.59 14.15
N SER A 131 -2.43 -14.75 14.38
CA SER A 131 -2.85 -15.62 13.29
C SER A 131 -4.38 -15.74 13.20
N ASN A 132 -5.05 -15.21 14.22
CA ASN A 132 -6.51 -15.15 14.28
C ASN A 132 -7.18 -16.49 13.96
N ILE A 133 -6.47 -17.57 14.26
CA ILE A 133 -6.88 -18.90 13.84
C ILE A 133 -8.17 -19.42 14.50
N ASN A 134 -8.42 -19.08 15.76
CA ASN A 134 -9.67 -19.56 16.37
C ASN A 134 -10.89 -18.80 15.86
N LYS A 135 -10.68 -17.85 14.95
CA LYS A 135 -11.80 -17.14 14.32
C LYS A 135 -11.97 -17.40 12.83
N LEU A 136 -11.05 -18.16 12.24
CA LEU A 136 -11.11 -18.42 10.81
C LEU A 136 -12.33 -19.26 10.43
N THR A 137 -13.02 -18.88 9.36
CA THR A 137 -14.12 -19.70 8.87
C THR A 137 -13.58 -20.93 8.12
N GLU A 138 -14.40 -21.98 8.01
CA GLU A 138 -13.99 -23.20 7.30
C GLU A 138 -13.61 -22.92 5.85
N ASP A 139 -14.25 -21.91 5.26
CA ASP A 139 -13.89 -21.51 3.90
C ASP A 139 -12.50 -20.88 3.86
N ARG A 140 -12.18 -20.05 4.86
CA ARG A 140 -10.86 -19.43 4.87
C ARG A 140 -9.79 -20.49 5.08
N LYS A 141 -10.09 -21.47 5.93
CA LYS A 141 -9.14 -22.53 6.22
C LYS A 141 -8.84 -23.43 5.01
N GLU A 142 -9.86 -23.67 4.19
CA GLU A 142 -9.67 -24.48 2.99
C GLU A 142 -8.65 -23.82 2.06
N GLY A 143 -8.75 -22.50 1.90
CA GLY A 143 -7.82 -21.76 1.07
C GLY A 143 -6.42 -21.78 1.67
N LEU A 144 -6.35 -21.70 2.99
CA LEU A 144 -5.09 -21.73 3.70
C LEU A 144 -4.29 -23.00 3.43
N ARG A 145 -4.97 -24.15 3.38
CA ARG A 145 -4.24 -25.38 3.11
C ARG A 145 -3.92 -25.49 1.62
N GLN A 146 -4.74 -24.88 0.77
CA GLN A 146 -4.41 -24.76 -0.65
C GLN A 146 -3.11 -23.98 -0.81
N LEU A 147 -2.94 -22.93 -0.01
CA LEU A 147 -1.70 -22.14 -0.01
C LEU A 147 -0.52 -22.92 0.55
N VAL A 148 -0.77 -23.72 1.57
CA VAL A 148 0.27 -24.56 2.15
C VAL A 148 0.82 -25.53 1.09
N MET A 149 -0.08 -26.19 0.37
CA MET A 149 0.34 -27.13 -0.66
C MET A 149 0.92 -26.39 -1.86
N THR A 150 0.40 -25.20 -2.15
CA THR A 150 0.98 -24.36 -3.20
C THR A 150 2.42 -24.05 -2.81
N PHE A 151 2.62 -23.68 -1.54
CA PHE A 151 3.96 -23.35 -1.04
C PHE A 151 4.89 -24.55 -1.15
N GLN A 152 4.39 -25.73 -0.75
CA GLN A 152 5.18 -26.95 -0.72
C GLN A 152 5.72 -27.33 -2.10
N HIS A 153 4.82 -27.36 -3.08
CA HIS A 153 5.17 -27.63 -4.47
C HIS A 153 6.20 -26.60 -4.95
N PHE A 154 5.97 -25.35 -4.54
CA PHE A 154 6.75 -24.23 -5.02
C PHE A 154 8.21 -24.24 -4.57
N MET A 155 8.45 -24.63 -3.32
CA MET A 155 9.79 -24.61 -2.73
C MET A 155 10.48 -25.96 -2.70
N ARG A 156 9.89 -26.94 -3.35
CA ARG A 156 10.32 -28.33 -3.27
C ARG A 156 11.81 -28.55 -3.53
N GLU A 157 12.39 -27.84 -4.49
CA GLU A 157 13.82 -27.99 -4.70
C GLU A 157 14.70 -27.28 -3.68
N GLU A 158 14.13 -26.33 -2.94
CA GLU A 158 14.87 -25.69 -1.84
C GLU A 158 14.35 -26.07 -0.46
N ILE A 159 13.05 -26.40 -0.35
CA ILE A 159 12.51 -26.84 0.94
C ILE A 159 11.82 -28.22 0.85
N GLN A 160 12.48 -29.22 1.44
CA GLN A 160 12.07 -30.64 1.42
C GLN A 160 11.42 -31.14 2.73
N ASP A 161 11.95 -30.73 3.89
CA ASP A 161 11.49 -31.28 5.16
C ASP A 161 11.34 -30.19 6.21
N ALA A 162 10.99 -30.61 7.43
CA ALA A 162 10.76 -29.69 8.53
C ALA A 162 12.06 -29.03 9.01
N SER A 163 13.19 -29.72 8.85
CA SER A 163 14.46 -29.19 9.34
C SER A 163 15.05 -28.18 8.33
N GLN A 164 14.48 -28.10 7.14
CA GLN A 164 14.72 -26.90 6.33
C GLN A 164 13.86 -25.71 6.71
N LEU A 165 13.15 -25.81 7.83
CA LEU A 165 12.39 -24.68 8.38
C LEU A 165 12.78 -24.30 9.82
N PRO A 166 12.31 -23.13 10.32
CA PRO A 166 12.42 -22.76 11.73
C PRO A 166 11.79 -23.81 12.66
N PRO A 167 12.21 -23.85 13.94
CA PRO A 167 11.68 -24.87 14.87
C PRO A 167 10.17 -24.76 14.98
N ALA A 168 9.46 -25.88 14.81
CA ALA A 168 8.00 -25.91 14.95
C ALA A 168 7.33 -24.87 14.08
N PHE A 169 7.88 -24.64 12.89
CA PHE A 169 7.29 -23.72 11.93
C PHE A 169 6.01 -24.33 11.38
N ASP A 170 4.88 -23.67 11.57
CA ASP A 170 3.66 -24.16 10.96
C ASP A 170 3.24 -23.28 9.79
N LEU A 171 3.37 -23.85 8.58
CA LEU A 171 3.05 -23.15 7.35
C LEU A 171 1.60 -22.68 7.30
N PHE A 172 0.70 -23.48 7.85
CA PHE A 172 -0.71 -23.11 7.90
C PHE A 172 -0.87 -21.91 8.82
N GLU A 173 -0.14 -21.94 9.93
CA GLU A 173 -0.12 -20.84 10.89
C GLU A 173 0.57 -19.62 10.29
N ALA A 174 1.62 -19.86 9.51
CA ALA A 174 2.38 -18.78 8.91
C ALA A 174 1.55 -18.04 7.87
N PHE A 175 0.88 -18.78 6.99
CA PHE A 175 0.03 -18.14 5.99
C PHE A 175 -1.10 -17.36 6.65
N ALA A 176 -1.57 -17.83 7.81
CA ALA A 176 -2.62 -17.12 8.53
C ALA A 176 -2.12 -15.77 9.04
N LYS A 177 -0.90 -15.75 9.53
CA LYS A 177 -0.24 -14.50 9.96
C LYS A 177 -0.09 -13.54 8.78
N VAL A 178 0.34 -14.10 7.66
CA VAL A 178 0.58 -13.36 6.43
C VAL A 178 -0.68 -12.63 5.98
N ILE A 179 -1.80 -13.34 6.06
CA ILE A 179 -3.11 -12.83 5.67
C ILE A 179 -3.51 -11.54 6.41
N CYS A 180 -3.22 -11.49 7.71
CA CYS A 180 -3.61 -10.34 8.51
C CYS A 180 -2.43 -9.48 8.99
N ASN A 181 -1.28 -9.59 8.33
CA ASN A 181 -0.13 -8.74 8.65
C ASN A 181 0.64 -8.25 7.43
N SER A 182 0.22 -8.63 6.23
CA SER A 182 0.90 -8.22 5.02
C SER A 182 0.69 -6.74 4.70
N PHE A 183 1.79 -6.08 4.32
CA PHE A 183 1.76 -4.68 3.91
C PHE A 183 1.81 -4.56 2.41
N THR A 184 0.82 -3.88 1.86
CA THR A 184 0.82 -3.53 0.46
C THR A 184 1.79 -2.35 0.30
N ILE A 185 2.93 -2.58 -0.33
CA ILE A 185 3.92 -1.52 -0.52
C ILE A 185 3.55 -0.68 -1.72
N CYS A 186 3.51 0.64 -1.56
CA CYS A 186 3.17 1.50 -2.68
C CYS A 186 4.32 2.46 -2.99
N ASN A 187 4.45 2.84 -4.26
CA ASN A 187 5.51 3.75 -4.66
C ASN A 187 5.23 5.18 -4.25
N ALA A 188 6.12 6.09 -4.66
CA ALA A 188 5.97 7.50 -4.33
C ALA A 188 4.68 8.10 -4.89
N GLU A 189 4.26 7.62 -6.05
CA GLU A 189 3.07 8.15 -6.72
C GLU A 189 1.81 7.41 -6.26
N MET A 190 2.01 6.53 -5.28
CA MET A 190 0.94 5.78 -4.60
C MET A 190 0.28 4.70 -5.43
N GLN A 191 1.07 3.98 -6.22
CA GLN A 191 0.56 2.76 -6.82
C GLN A 191 1.19 1.56 -6.12
N GLU A 192 0.41 0.51 -5.88
CA GLU A 192 0.96 -0.70 -5.27
C GLU A 192 2.03 -1.30 -6.15
N VAL A 193 3.22 -1.47 -5.60
CA VAL A 193 4.29 -2.09 -6.36
C VAL A 193 4.82 -3.34 -5.66
N GLY A 194 4.34 -3.58 -4.44
CA GLY A 194 4.76 -4.78 -3.73
C GLY A 194 3.91 -5.23 -2.56
N VAL A 195 4.33 -6.34 -1.96
CA VAL A 195 3.79 -6.81 -0.70
C VAL A 195 4.99 -7.13 0.20
N GLY A 196 4.88 -6.83 1.48
CA GLY A 196 5.99 -7.08 2.39
C GLY A 196 5.53 -7.27 3.82
N LEU A 197 6.44 -7.76 4.66
CA LEU A 197 6.13 -7.91 6.08
C LEU A 197 7.07 -7.09 6.95
N TYR A 198 6.50 -6.46 7.96
CA TYR A 198 7.20 -5.56 8.86
C TYR A 198 6.70 -5.86 10.26
N PRO A 199 7.25 -6.92 10.88
CA PRO A 199 6.70 -7.45 12.13
C PRO A 199 6.52 -6.44 13.30
N SER A 200 7.42 -5.47 13.48
CA SER A 200 7.21 -4.45 14.53
C SER A 200 6.02 -3.54 14.20
N ILE A 201 5.89 -3.18 12.93
CA ILE A 201 4.81 -2.29 12.50
C ILE A 201 3.46 -3.00 12.59
N SER A 202 3.48 -4.32 12.60
CA SER A 202 2.24 -5.10 12.70
C SER A 202 1.56 -5.00 14.08
N LEU A 203 2.18 -4.31 15.03
CA LEU A 203 1.57 -4.15 16.36
C LEU A 203 0.41 -3.16 16.34
N LEU A 204 0.45 -2.24 15.38
CA LEU A 204 -0.57 -1.20 15.23
C LEU A 204 -1.93 -1.81 14.92
N ASN A 205 -2.93 -1.49 15.72
CA ASN A 205 -4.28 -1.89 15.35
C ASN A 205 -4.97 -0.84 14.49
N HIS A 206 -6.08 -1.25 13.89
CA HIS A 206 -6.82 -0.44 12.96
C HIS A 206 -7.70 0.57 13.68
N SER A 207 -7.90 1.72 13.05
CA SER A 207 -8.96 2.63 13.41
C SER A 207 -9.48 3.19 12.11
N CYS A 208 -10.79 3.26 11.92
CA CYS A 208 -11.31 4.00 10.76
C CYS A 208 -11.15 5.52 10.83
N ASP A 209 -10.56 6.03 11.90
CA ASP A 209 -10.05 7.40 11.89
C ASP A 209 -8.82 7.55 12.80
N PRO A 210 -7.64 7.21 12.27
CA PRO A 210 -6.41 7.00 13.04
C PRO A 210 -5.65 8.24 13.47
N ASN A 211 -4.67 8.04 14.35
CA ASN A 211 -3.78 9.11 14.81
C ASN A 211 -2.33 8.88 14.36
N CYS A 212 -2.14 7.90 13.48
CA CYS A 212 -0.85 7.65 12.85
C CYS A 212 -1.00 7.22 11.38
N SER A 213 0.07 7.38 10.61
CA SER A 213 0.08 6.90 9.23
C SER A 213 1.43 6.32 8.87
N ILE A 214 1.44 5.50 7.83
CA ILE A 214 2.68 4.92 7.35
C ILE A 214 2.89 5.24 5.88
N VAL A 215 4.14 5.44 5.51
CA VAL A 215 4.47 5.83 4.16
C VAL A 215 5.54 4.89 3.65
N PHE A 216 5.53 4.62 2.35
CA PHE A 216 6.58 3.79 1.78
C PHE A 216 7.50 4.64 0.93
N ASN A 217 8.79 4.45 1.18
CA ASN A 217 9.84 5.05 0.36
C ASN A 217 10.63 3.90 -0.21
N GLY A 218 10.17 3.37 -1.34
CA GLY A 218 10.65 2.10 -1.83
C GLY A 218 10.14 1.04 -0.87
N PRO A 219 11.02 0.14 -0.42
CA PRO A 219 10.64 -0.89 0.55
C PRO A 219 10.71 -0.39 1.98
N HIS A 220 11.31 0.80 2.18
CA HIS A 220 11.46 1.39 3.49
C HIS A 220 10.14 2.02 3.96
N LEU A 221 9.72 1.70 5.18
CA LEU A 221 8.47 2.25 5.70
C LEU A 221 8.72 3.22 6.86
N LEU A 222 8.10 4.40 6.79
CA LEU A 222 8.15 5.36 7.88
C LEU A 222 6.79 5.47 8.56
N LEU A 223 6.79 5.33 9.88
CA LEU A 223 5.60 5.49 10.70
C LEU A 223 5.62 6.83 11.39
N ARG A 224 4.67 7.69 11.04
CA ARG A 224 4.59 9.03 11.66
C ARG A 224 3.24 9.21 12.37
N ALA A 225 3.21 10.14 13.32
CA ALA A 225 1.98 10.53 13.97
C ALA A 225 1.30 11.61 13.14
N VAL A 226 -0.01 11.51 12.97
CA VAL A 226 -0.74 12.48 12.13
C VAL A 226 -1.71 13.29 13.00
N ARG A 227 -1.67 13.03 14.29
CA ARG A 227 -2.49 13.73 15.28
C ARG A 227 -1.61 14.17 16.45
N ASP A 228 -2.18 14.92 17.38
CA ASP A 228 -1.54 15.07 18.69
C ASP A 228 -1.76 13.76 19.43
N ILE A 229 -0.72 13.24 20.08
CA ILE A 229 -0.89 12.03 20.85
C ILE A 229 -0.35 12.22 22.25
N GLU A 230 -1.09 11.79 23.24
CA GLU A 230 -0.56 11.85 24.59
C GLU A 230 -0.05 10.50 25.06
N VAL A 231 0.76 10.55 26.12
CA VAL A 231 1.42 9.39 26.71
C VAL A 231 0.41 8.30 27.08
N GLY A 232 0.69 7.07 26.71
CA GLY A 232 -0.18 5.95 27.03
C GLY A 232 -1.29 5.72 26.00
N GLU A 233 -1.55 6.71 25.17
CA GLU A 233 -2.56 6.55 24.11
C GLU A 233 -2.07 5.56 23.05
N GLU A 234 -2.95 4.64 22.66
CA GLU A 234 -2.61 3.67 21.63
C GLU A 234 -2.51 4.36 20.29
N LEU A 235 -1.52 3.94 19.50
CA LEU A 235 -1.34 4.46 18.16
C LEU A 235 -2.12 3.62 17.16
N THR A 236 -2.78 4.29 16.23
CA THR A 236 -3.60 3.59 15.24
C THR A 236 -3.26 4.01 13.83
N ILE A 237 -3.48 3.08 12.91
CA ILE A 237 -3.43 3.40 11.50
C ILE A 237 -4.69 2.84 10.84
N CYS A 238 -5.17 3.49 9.79
CA CYS A 238 -6.24 2.91 8.98
C CYS A 238 -5.66 1.84 8.07
N TYR A 239 -6.17 0.62 8.20
CA TYR A 239 -5.74 -0.52 7.40
C TYR A 239 -6.22 -0.37 5.98
N LEU A 240 -7.19 0.52 5.80
CA LEU A 240 -8.08 0.46 4.66
C LEU A 240 -8.10 1.74 3.84
N ASP A 241 -8.46 1.58 2.57
CA ASP A 241 -8.72 2.70 1.68
C ASP A 241 -9.78 3.62 2.28
N MET A 242 -9.51 4.93 2.29
CA MET A 242 -10.46 5.90 2.81
C MET A 242 -11.75 5.94 1.99
N LEU A 243 -11.64 5.60 0.70
CA LEU A 243 -12.80 5.62 -0.18
C LEU A 243 -13.61 4.33 -0.11
N MET A 244 -14.05 3.97 1.09
CA MET A 244 -14.94 2.83 1.25
C MET A 244 -16.08 3.22 2.17
N THR A 245 -17.23 2.62 1.96
CA THR A 245 -18.32 2.82 2.88
C THR A 245 -18.09 1.90 4.07
N SER A 246 -18.81 2.15 5.15
CA SER A 246 -18.67 1.36 6.37
C SER A 246 -19.07 -0.09 6.15
N GLU A 247 -20.03 -0.31 5.27
CA GLU A 247 -20.44 -1.66 4.94
C GLU A 247 -19.28 -2.37 4.23
N GLU A 248 -18.58 -1.64 3.37
CA GLU A 248 -17.43 -2.19 2.69
C GLU A 248 -16.27 -2.44 3.65
N ARG A 249 -16.05 -1.54 4.61
CA ARG A 249 -15.03 -1.78 5.64
C ARG A 249 -15.38 -2.99 6.52
N ARG A 250 -16.65 -3.11 6.92
CA ARG A 250 -17.08 -4.23 7.76
C ARG A 250 -16.75 -5.59 7.16
N LYS A 251 -17.04 -5.76 5.87
CA LYS A 251 -16.76 -7.01 5.18
C LYS A 251 -15.27 -7.30 5.13
N GLN A 252 -14.50 -6.27 4.74
CA GLN A 252 -13.05 -6.42 4.58
C GLN A 252 -12.34 -6.64 5.92
N LEU A 253 -12.82 -6.00 6.97
CA LEU A 253 -12.22 -6.21 8.28
C LEU A 253 -12.55 -7.60 8.84
N ARG A 254 -13.73 -8.10 8.50
CA ARG A 254 -14.12 -9.45 8.85
C ARG A 254 -13.29 -10.51 8.11
N ASP A 255 -13.21 -10.34 6.80
CA ASP A 255 -12.60 -11.33 5.91
C ASP A 255 -11.08 -11.41 6.01
N GLN A 256 -10.43 -10.28 6.22
CA GLN A 256 -8.99 -10.25 6.19
C GLN A 256 -8.39 -10.22 7.60
N TYR A 257 -9.08 -9.54 8.52
CA TYR A 257 -8.49 -9.22 9.82
C TYR A 257 -9.29 -9.80 11.00
N CYS A 258 -10.44 -10.41 10.70
CA CYS A 258 -11.22 -11.15 11.71
C CYS A 258 -11.66 -10.38 12.95
N PHE A 259 -12.03 -9.10 12.80
CA PHE A 259 -12.73 -8.42 13.88
C PHE A 259 -13.87 -7.55 13.37
N GLU A 260 -14.78 -7.22 14.29
CA GLU A 260 -15.80 -6.20 14.06
C GLU A 260 -15.27 -4.86 14.57
N CYS A 261 -15.63 -3.77 13.91
CA CYS A 261 -15.21 -2.47 14.37
C CYS A 261 -16.43 -1.68 14.84
N ASP A 262 -16.36 -1.20 16.07
CA ASP A 262 -17.44 -0.37 16.61
C ASP A 262 -16.91 1.01 16.96
N CYS A 263 -16.09 1.56 16.07
CA CYS A 263 -15.66 2.92 16.20
C CYS A 263 -16.84 3.82 15.90
N PHE A 264 -16.69 5.10 16.21
CA PHE A 264 -17.74 6.07 15.99
C PHE A 264 -18.15 6.20 14.51
N ARG A 265 -17.17 6.15 13.60
CA ARG A 265 -17.49 6.27 12.19
C ARG A 265 -18.30 5.08 11.66
N CYS A 266 -18.02 3.87 12.11
CA CYS A 266 -18.85 2.74 11.68
C CYS A 266 -20.21 2.74 12.38
N GLN A 267 -20.24 3.21 13.63
CA GLN A 267 -21.51 3.24 14.34
C GLN A 267 -22.51 4.21 13.72
N THR A 268 -22.01 5.25 13.06
CA THR A 268 -22.88 6.29 12.52
C THR A 268 -22.92 6.29 11.00
N GLN A 269 -22.37 5.25 10.37
CA GLN A 269 -22.21 5.21 8.92
C GLN A 269 -21.69 6.55 8.42
N ASP A 270 -20.68 7.07 9.11
CA ASP A 270 -20.15 8.39 8.81
C ASP A 270 -19.66 8.49 7.36
N LYS A 271 -20.29 9.40 6.61
CA LYS A 271 -19.95 9.75 5.22
C LYS A 271 -20.56 8.80 4.19
N ASP A 272 -21.13 7.70 4.68
CA ASP A 272 -21.68 6.66 3.80
C ASP A 272 -22.63 7.24 2.76
N ALA A 273 -23.56 8.07 3.21
CA ALA A 273 -24.59 8.63 2.32
C ALA A 273 -24.00 9.55 1.25
N ASP A 274 -23.09 10.44 1.67
CA ASP A 274 -22.42 11.35 0.75
C ASP A 274 -21.69 10.63 -0.39
N MET A 275 -21.00 9.54 -0.05
CA MET A 275 -20.14 8.90 -1.03
C MET A 275 -20.90 7.92 -1.92
N LEU A 276 -22.21 7.84 -1.76
CA LEU A 276 -23.06 7.05 -2.65
C LEU A 276 -24.14 7.92 -3.28
N THR A 277 -23.85 9.20 -3.45
CA THR A 277 -24.80 10.07 -4.10
C THR A 277 -24.88 9.76 -5.59
N GLY A 278 -25.95 10.21 -6.21
CA GLY A 278 -26.24 9.87 -7.58
C GLY A 278 -27.11 8.63 -7.63
N ASP A 279 -27.36 8.16 -8.85
CA ASP A 279 -28.31 7.08 -9.09
C ASP A 279 -27.70 5.72 -8.85
N GLU A 280 -28.39 4.87 -8.08
CA GLU A 280 -27.80 3.61 -7.63
C GLU A 280 -27.37 2.73 -8.79
N GLN A 281 -28.25 2.54 -9.76
CA GLN A 281 -27.97 1.66 -10.89
C GLN A 281 -26.68 2.07 -11.58
N VAL A 282 -26.50 3.38 -11.72
CA VAL A 282 -25.36 3.91 -12.43
C VAL A 282 -24.03 3.64 -11.70
N TRP A 283 -23.92 3.98 -10.42
CA TRP A 283 -22.64 3.77 -9.75
C TRP A 283 -22.33 2.29 -9.47
N LYS A 284 -23.31 1.41 -9.64
CA LYS A 284 -23.04 -0.02 -9.52
C LYS A 284 -22.38 -0.60 -10.78
N GLU A 285 -22.84 -0.16 -11.96
CA GLU A 285 -22.13 -0.46 -13.20
C GLU A 285 -20.68 -0.02 -13.10
N VAL A 286 -20.50 1.24 -12.72
CA VAL A 286 -19.20 1.86 -12.61
C VAL A 286 -18.35 1.15 -11.55
N GLN A 287 -18.98 0.71 -10.47
CA GLN A 287 -18.26 -0.10 -9.48
C GLN A 287 -17.86 -1.45 -10.09
N GLU A 288 -18.76 -2.03 -10.88
CA GLU A 288 -18.46 -3.27 -11.60
C GLU A 288 -17.30 -3.08 -12.57
N SER A 289 -17.38 -2.02 -13.36
CA SER A 289 -16.35 -1.68 -14.36
C SER A 289 -15.00 -1.37 -13.71
N LEU A 290 -15.04 -0.76 -12.53
CA LEU A 290 -13.81 -0.36 -11.85
C LEU A 290 -12.91 -1.57 -11.55
N LYS A 291 -13.52 -2.74 -11.41
CA LYS A 291 -12.74 -3.96 -11.20
C LYS A 291 -11.77 -4.23 -12.34
N LYS A 292 -12.21 -4.05 -13.58
CA LYS A 292 -11.33 -4.22 -14.72
C LYS A 292 -10.35 -3.08 -14.76
N ILE A 293 -10.88 -1.86 -14.66
CA ILE A 293 -10.08 -0.64 -14.71
C ILE A 293 -8.92 -0.68 -13.70
N GLU A 294 -9.22 -1.06 -12.46
CA GLU A 294 -8.18 -1.16 -11.44
C GLU A 294 -7.24 -2.33 -11.76
N GLU A 295 -7.77 -3.36 -12.42
CA GLU A 295 -6.95 -4.49 -12.85
C GLU A 295 -5.95 -4.09 -13.92
N LEU A 296 -6.44 -3.39 -14.94
CA LEU A 296 -5.59 -2.87 -16.00
C LEU A 296 -4.50 -1.96 -15.43
N LYS A 297 -4.85 -1.21 -14.40
CA LYS A 297 -3.92 -0.29 -13.76
C LYS A 297 -2.85 -1.06 -12.99
N ALA A 298 -3.25 -2.14 -12.31
CA ALA A 298 -2.29 -2.99 -11.58
C ALA A 298 -1.17 -3.49 -12.50
N HIS A 299 -1.48 -3.58 -13.80
CA HIS A 299 -0.53 -4.01 -14.81
C HIS A 299 0.00 -2.82 -15.63
N TRP A 300 -0.32 -1.61 -15.18
CA TRP A 300 0.18 -0.38 -15.80
C TRP A 300 -0.23 -0.28 -17.27
N LYS A 301 -1.35 -0.90 -17.62
CA LYS A 301 -1.82 -0.80 -19.00
C LYS A 301 -2.64 0.48 -19.14
N TRP A 302 -1.91 1.58 -19.32
CA TRP A 302 -2.45 2.92 -19.14
C TRP A 302 -3.42 3.39 -20.22
N GLU A 303 -3.15 3.08 -21.49
CA GLU A 303 -4.10 3.51 -22.53
C GLU A 303 -5.43 2.81 -22.35
N GLN A 304 -5.41 1.52 -21.99
CA GLN A 304 -6.62 0.74 -21.77
C GLN A 304 -7.40 1.28 -20.55
N VAL A 305 -6.66 1.74 -19.54
CA VAL A 305 -7.25 2.41 -18.39
C VAL A 305 -8.05 3.64 -18.83
N LEU A 306 -7.38 4.53 -19.55
CA LEU A 306 -7.93 5.82 -19.93
C LEU A 306 -9.16 5.70 -20.83
N ALA A 307 -9.12 4.72 -21.73
CA ALA A 307 -10.24 4.49 -22.64
C ALA A 307 -11.50 4.15 -21.86
N MET A 308 -11.38 3.24 -20.90
CA MET A 308 -12.50 2.85 -20.06
C MET A 308 -12.99 3.99 -19.19
N CYS A 309 -12.04 4.74 -18.63
CA CYS A 309 -12.40 5.85 -17.74
C CYS A 309 -13.15 6.95 -18.49
N GLN A 310 -12.73 7.29 -19.70
CA GLN A 310 -13.42 8.34 -20.44
C GLN A 310 -14.85 7.97 -20.79
N ALA A 311 -15.08 6.68 -21.02
CA ALA A 311 -16.40 6.17 -21.40
C ALA A 311 -17.38 6.33 -20.23
N ILE A 312 -16.83 6.58 -19.05
CA ILE A 312 -17.64 6.81 -17.86
C ILE A 312 -17.73 8.30 -17.51
N ILE A 313 -16.61 9.00 -17.60
CA ILE A 313 -16.53 10.39 -17.17
C ILE A 313 -17.21 11.29 -18.20
N SER A 314 -17.18 10.88 -19.46
CA SER A 314 -17.86 11.60 -20.53
C SER A 314 -18.84 10.66 -21.20
N SER A 315 -19.49 9.82 -20.40
CA SER A 315 -20.50 8.89 -20.91
C SER A 315 -21.65 9.68 -21.51
N ASN A 316 -22.15 9.21 -22.65
CA ASN A 316 -23.37 9.76 -23.21
C ASN A 316 -24.53 9.54 -22.24
N SER A 317 -24.56 8.35 -21.65
CA SER A 317 -25.58 7.99 -20.68
C SER A 317 -25.35 8.70 -19.36
N GLU A 318 -26.22 8.46 -18.39
CA GLU A 318 -26.29 9.26 -17.18
C GLU A 318 -24.97 9.26 -16.41
N ARG A 319 -24.75 10.28 -15.60
CA ARG A 319 -23.45 10.49 -14.97
C ARG A 319 -23.53 10.58 -13.46
N LEU A 320 -22.36 10.51 -12.82
CA LEU A 320 -22.28 10.55 -11.36
C LEU A 320 -21.62 11.82 -10.84
N PRO A 321 -22.09 12.31 -9.67
CA PRO A 321 -21.39 13.39 -8.98
C PRO A 321 -19.96 12.98 -8.64
N ASP A 322 -19.03 13.94 -8.61
CA ASP A 322 -17.63 13.63 -8.34
C ASP A 322 -17.37 13.16 -6.90
N ILE A 323 -18.31 13.39 -5.97
CA ILE A 323 -18.11 12.86 -4.61
C ILE A 323 -18.59 11.42 -4.49
N ASN A 324 -19.19 10.89 -5.54
CA ASN A 324 -19.49 9.46 -5.53
C ASN A 324 -18.15 8.73 -5.56
N ILE A 325 -17.90 7.87 -4.56
CA ILE A 325 -16.58 7.26 -4.45
C ILE A 325 -16.14 6.43 -5.65
N TYR A 326 -17.07 5.73 -6.31
CA TYR A 326 -16.71 4.94 -7.48
C TYR A 326 -16.46 5.83 -8.67
N GLN A 327 -17.23 6.92 -8.76
CA GLN A 327 -16.94 7.97 -9.73
C GLN A 327 -15.59 8.59 -9.42
N LEU A 328 -15.37 8.93 -8.15
CA LEU A 328 -14.14 9.58 -7.74
C LEU A 328 -12.95 8.68 -8.05
N LYS A 329 -13.12 7.38 -7.86
CA LYS A 329 -12.05 6.42 -8.15
C LYS A 329 -11.70 6.33 -9.62
N VAL A 330 -12.72 6.47 -10.49
CA VAL A 330 -12.48 6.49 -11.92
C VAL A 330 -11.61 7.69 -12.28
N LEU A 331 -11.96 8.83 -11.69
CA LEU A 331 -11.20 10.06 -11.84
C LEU A 331 -9.72 9.88 -11.50
N ASP A 332 -9.46 9.26 -10.34
CA ASP A 332 -8.08 9.01 -9.90
C ASP A 332 -7.34 8.16 -10.92
N CYS A 333 -7.97 7.08 -11.35
CA CYS A 333 -7.40 6.21 -12.36
C CYS A 333 -7.16 6.96 -13.68
N ALA A 334 -8.10 7.83 -14.05
CA ALA A 334 -7.98 8.56 -15.30
C ALA A 334 -6.86 9.60 -15.23
N MET A 335 -6.74 10.24 -14.07
CA MET A 335 -5.71 11.26 -13.90
C MET A 335 -4.32 10.65 -13.95
N ASP A 336 -4.13 9.54 -13.25
CA ASP A 336 -2.85 8.84 -13.23
C ASP A 336 -2.50 8.29 -14.61
N ALA A 337 -3.52 7.90 -15.37
CA ALA A 337 -3.29 7.34 -16.70
C ALA A 337 -2.77 8.42 -17.65
N CYS A 338 -3.43 9.57 -17.63
CA CYS A 338 -3.05 10.70 -18.47
C CYS A 338 -1.63 11.16 -18.17
N ILE A 339 -1.28 11.20 -16.89
CA ILE A 339 0.05 11.63 -16.49
C ILE A 339 1.13 10.68 -17.03
N ASN A 340 0.90 9.37 -16.87
CA ASN A 340 1.81 8.37 -17.42
C ASN A 340 1.63 8.18 -18.92
N LEU A 341 0.70 8.91 -19.51
CA LEU A 341 0.56 8.91 -20.97
C LEU A 341 0.97 10.26 -21.53
N GLY A 342 1.38 11.15 -20.63
CA GLY A 342 1.85 12.47 -21.02
C GLY A 342 0.75 13.42 -21.45
N LEU A 343 -0.49 13.05 -21.17
CA LEU A 343 -1.63 13.90 -21.50
C LEU A 343 -1.91 14.84 -20.30
N LEU A 344 -1.16 15.92 -20.24
CA LEU A 344 -1.05 16.72 -19.02
C LEU A 344 -2.22 17.67 -18.76
N GLU A 345 -2.83 18.16 -19.83
CA GLU A 345 -4.00 19.01 -19.67
C GLU A 345 -5.20 18.19 -19.24
N GLU A 346 -5.38 17.05 -19.90
CA GLU A 346 -6.45 16.14 -19.54
C GLU A 346 -6.24 15.63 -18.11
N ALA A 347 -4.98 15.47 -17.73
CA ALA A 347 -4.63 15.01 -16.39
C ALA A 347 -5.06 16.04 -15.33
N LEU A 348 -4.63 17.28 -15.53
CA LEU A 348 -4.97 18.36 -14.61
C LEU A 348 -6.48 18.48 -14.45
N PHE A 349 -7.18 18.32 -15.56
CA PHE A 349 -8.62 18.44 -15.54
C PHE A 349 -9.29 17.42 -14.63
N TYR A 350 -8.92 16.15 -14.74
CA TYR A 350 -9.43 15.16 -13.81
C TYR A 350 -8.92 15.45 -12.39
N GLY A 351 -7.65 15.83 -12.29
CA GLY A 351 -7.02 16.06 -10.99
C GLY A 351 -7.70 17.14 -10.19
N THR A 352 -8.01 18.26 -10.82
CA THR A 352 -8.59 19.36 -10.10
CA THR A 352 -8.65 19.39 -10.14
C THR A 352 -10.00 19.01 -9.58
N ARG A 353 -10.69 18.15 -10.32
CA ARG A 353 -12.03 17.75 -9.99
C ARG A 353 -12.06 16.90 -8.73
N THR A 354 -11.01 16.08 -8.56
CA THR A 354 -10.88 15.20 -7.40
C THR A 354 -10.65 15.96 -6.09
N MET A 355 -10.24 17.23 -6.20
CA MET A 355 -9.68 17.90 -5.02
C MET A 355 -10.70 18.16 -3.90
N GLU A 356 -11.80 18.83 -4.20
CA GLU A 356 -12.79 19.06 -3.15
C GLU A 356 -13.37 17.75 -2.59
N PRO A 357 -13.60 16.71 -3.43
CA PRO A 357 -13.98 15.46 -2.77
C PRO A 357 -12.87 14.87 -1.89
N TYR A 358 -11.62 14.94 -2.34
CA TYR A 358 -10.48 14.47 -1.55
C TYR A 358 -10.33 15.17 -0.21
N ARG A 359 -10.57 16.48 -0.19
CA ARG A 359 -10.51 17.22 1.05
C ARG A 359 -11.52 16.67 2.03
N ILE A 360 -12.69 16.30 1.53
CA ILE A 360 -13.74 15.77 2.39
C ILE A 360 -13.38 14.39 2.93
N PHE A 361 -12.92 13.49 2.07
CA PHE A 361 -12.72 12.09 2.44
C PHE A 361 -11.34 11.76 3.01
N PHE A 362 -10.40 12.71 2.94
CA PHE A 362 -9.09 12.53 3.52
C PHE A 362 -8.80 13.63 4.55
N PRO A 363 -9.51 13.57 5.69
CA PRO A 363 -9.44 14.66 6.67
C PRO A 363 -8.08 14.70 7.38
N GLY A 364 -7.73 15.86 7.94
CA GLY A 364 -6.46 16.02 8.61
C GLY A 364 -5.32 15.90 7.60
N SER A 365 -4.36 15.04 7.92
CA SER A 365 -3.25 14.79 7.01
C SER A 365 -3.19 13.32 6.64
N HIS A 366 -3.48 13.05 5.37
CA HIS A 366 -3.46 11.72 4.80
C HIS A 366 -2.54 11.76 3.59
N PRO A 367 -1.56 10.85 3.52
CA PRO A 367 -0.55 10.85 2.45
C PRO A 367 -1.12 10.63 1.05
N VAL A 368 -2.29 10.02 0.94
CA VAL A 368 -2.92 9.87 -0.37
C VAL A 368 -3.33 11.24 -0.92
N ARG A 369 -3.89 12.07 -0.04
CA ARG A 369 -4.24 13.44 -0.35
C ARG A 369 -3.03 14.29 -0.70
N GLY A 370 -2.01 14.24 0.17
CA GLY A 370 -0.80 15.01 -0.02
C GLY A 370 -0.21 14.78 -1.39
N VAL A 371 -0.10 13.51 -1.77
CA VAL A 371 0.43 13.14 -3.08
C VAL A 371 -0.45 13.63 -4.25
N GLN A 372 -1.77 13.47 -4.12
CA GLN A 372 -2.70 13.99 -5.12
C GLN A 372 -2.53 15.50 -5.30
N VAL A 373 -2.53 16.23 -4.19
CA VAL A 373 -2.45 17.69 -4.23
C VAL A 373 -1.14 18.14 -4.86
N MET A 374 -0.07 17.40 -4.57
CA MET A 374 1.22 17.69 -5.16
C MET A 374 1.22 17.41 -6.68
N LYS A 375 0.59 16.32 -7.10
CA LYS A 375 0.44 16.04 -8.53
C LYS A 375 -0.36 17.13 -9.23
N VAL A 376 -1.41 17.60 -8.58
CA VAL A 376 -2.22 18.67 -9.12
C VAL A 376 -1.40 19.97 -9.22
N GLY A 377 -0.66 20.29 -8.17
CA GLY A 377 0.23 21.43 -8.17
C GLY A 377 1.32 21.28 -9.23
N LYS A 378 1.81 20.05 -9.36
CA LYS A 378 2.79 19.72 -10.40
C LYS A 378 2.27 20.07 -11.79
N LEU A 379 1.05 19.62 -12.13
CA LEU A 379 0.52 19.88 -13.46
C LEU A 379 0.16 21.34 -13.71
N GLN A 380 -0.24 22.07 -12.66
CA GLN A 380 -0.52 23.50 -12.79
C GLN A 380 0.75 24.33 -12.95
N LEU A 381 1.80 23.90 -12.26
CA LEU A 381 3.09 24.54 -12.35
C LEU A 381 3.62 24.52 -13.77
N HIS A 382 3.50 23.36 -14.38
CA HIS A 382 4.02 23.12 -15.71
C HIS A 382 3.26 23.85 -16.81
N GLN A 383 1.94 23.94 -16.72
CA GLN A 383 1.22 24.67 -17.75
C GLN A 383 1.24 26.16 -17.43
N GLY A 384 2.00 26.53 -16.39
CA GLY A 384 2.33 27.92 -16.16
C GLY A 384 1.38 28.66 -15.25
N MET A 385 0.56 27.91 -14.53
CA MET A 385 -0.45 28.50 -13.66
C MET A 385 0.09 28.65 -12.24
N PHE A 386 0.98 29.62 -12.06
CA PHE A 386 1.83 29.70 -10.87
C PHE A 386 1.13 30.00 -9.52
N PRO A 387 0.24 31.02 -9.47
CA PRO A 387 -0.36 31.27 -8.15
C PRO A 387 -1.20 30.10 -7.62
N GLN A 388 -1.98 29.46 -8.49
CA GLN A 388 -2.80 28.31 -8.09
C GLN A 388 -1.92 27.11 -7.72
N ALA A 389 -0.86 26.92 -8.48
CA ALA A 389 0.03 25.80 -8.25
C ALA A 389 0.76 25.99 -6.93
N MET A 390 1.30 27.19 -6.73
CA MET A 390 2.05 27.51 -5.52
C MET A 390 1.21 27.35 -4.26
N LYS A 391 -0.06 27.74 -4.32
CA LYS A 391 -0.97 27.50 -3.20
C LYS A 391 -1.22 26.00 -3.00
N ASN A 392 -1.27 25.25 -4.10
CA ASN A 392 -1.47 23.81 -4.02
C ASN A 392 -0.22 23.08 -3.58
N LEU A 393 0.93 23.50 -4.10
CA LEU A 393 2.19 22.91 -3.68
C LEU A 393 2.45 23.27 -2.22
N ARG A 394 1.90 24.40 -1.77
CA ARG A 394 1.98 24.80 -0.37
C ARG A 394 1.02 24.04 0.53
N LEU A 395 -0.14 23.68 0.00
CA LEU A 395 -1.07 22.82 0.73
C LEU A 395 -0.52 21.40 0.81
N ALA A 396 0.01 20.92 -0.32
CA ALA A 396 0.62 19.61 -0.40
C ALA A 396 1.73 19.49 0.64
N PHE A 397 2.56 20.52 0.73
CA PHE A 397 3.65 20.52 1.70
C PHE A 397 3.15 20.50 3.14
N ASP A 398 2.05 21.21 3.40
CA ASP A 398 1.50 21.26 4.75
C ASP A 398 1.02 19.88 5.19
N ILE A 399 0.56 19.08 4.24
CA ILE A 399 0.13 17.72 4.54
C ILE A 399 1.31 16.76 4.58
N MET A 400 2.17 16.85 3.58
CA MET A 400 3.24 15.88 3.43
C MET A 400 4.36 16.07 4.45
N ARG A 401 4.52 17.28 4.95
CA ARG A 401 5.43 17.50 6.08
C ARG A 401 5.01 16.62 7.24
N VAL A 402 3.69 16.52 7.45
CA VAL A 402 3.15 15.64 8.48
C VAL A 402 3.23 14.16 8.11
N THR A 403 2.93 13.83 6.85
CA THR A 403 2.78 12.43 6.46
C THR A 403 4.06 11.79 5.91
N HIS A 404 4.89 12.57 5.22
CA HIS A 404 6.13 12.04 4.65
C HIS A 404 7.36 12.45 5.48
N GLY A 405 7.65 13.74 5.54
CA GLY A 405 8.74 14.24 6.35
C GLY A 405 10.09 14.31 5.65
N ARG A 406 11.10 14.80 6.36
CA ARG A 406 12.45 14.93 5.82
C ARG A 406 12.99 13.61 5.32
N GLU A 407 12.75 12.56 6.11
CA GLU A 407 13.24 11.21 5.84
C GLU A 407 12.72 10.63 4.53
N HIS A 408 11.58 11.14 4.08
CA HIS A 408 11.02 10.69 2.81
C HIS A 408 11.52 11.59 1.70
N SER A 409 12.00 10.96 0.63
CA SER A 409 12.67 11.66 -0.45
C SER A 409 11.73 12.51 -1.30
N LEU A 410 10.43 12.20 -1.29
CA LEU A 410 9.47 12.92 -2.12
C LEU A 410 9.29 14.35 -1.62
N ILE A 411 9.48 14.54 -0.32
CA ILE A 411 9.44 15.88 0.24
C ILE A 411 10.56 16.73 -0.34
N GLU A 412 11.69 16.11 -0.67
CA GLU A 412 12.78 16.86 -1.31
C GLU A 412 12.36 17.32 -2.72
N ASP A 413 11.63 16.46 -3.46
CA ASP A 413 11.10 16.85 -4.78
C ASP A 413 10.05 17.95 -4.66
N LEU A 414 9.25 17.90 -3.61
CA LEU A 414 8.22 18.91 -3.40
C LEU A 414 8.88 20.26 -3.12
N ILE A 415 10.03 20.21 -2.45
CA ILE A 415 10.78 21.41 -2.17
C ILE A 415 11.30 22.06 -3.47
N LEU A 416 11.85 21.25 -4.37
CA LEU A 416 12.24 21.74 -5.70
C LEU A 416 11.09 22.44 -6.42
N LEU A 417 9.91 21.84 -6.38
CA LEU A 417 8.76 22.41 -7.08
C LEU A 417 8.31 23.73 -6.47
N LEU A 418 8.34 23.81 -5.15
CA LEU A 418 7.99 25.04 -4.46
C LEU A 418 8.96 26.16 -4.85
N GLU A 419 10.25 25.84 -4.85
CA GLU A 419 11.29 26.82 -5.17
C GLU A 419 11.14 27.38 -6.58
N GLU A 420 10.94 26.47 -7.53
CA GLU A 420 10.85 26.84 -8.94
C GLU A 420 9.65 27.75 -9.20
N CYS A 421 8.48 27.34 -8.73
CA CYS A 421 7.26 28.11 -8.93
C CYS A 421 7.37 29.47 -8.23
N ASP A 422 8.00 29.48 -7.05
CA ASP A 422 8.12 30.71 -6.26
C ASP A 422 9.07 31.69 -6.94
N ALA A 423 10.13 31.14 -7.52
CA ALA A 423 11.05 31.93 -8.33
C ALA A 423 10.33 32.46 -9.57
N ASN A 424 9.44 31.64 -10.15
CA ASN A 424 8.65 32.08 -11.31
C ASN A 424 7.76 33.27 -10.97
N ILE A 425 7.37 33.36 -9.70
CA ILE A 425 6.44 34.37 -9.24
C ILE A 425 7.16 35.63 -8.77
#